data_7NAJ
#
_entry.id   7NAJ
#
_cell.length_a   85.511
_cell.length_b   117.063
_cell.length_c   33.043
_cell.angle_alpha   90.000
_cell.angle_beta   90.000
_cell.angle_gamma   90.000
#
_symmetry.space_group_name_H-M   'P 21 21 2'
#
loop_
_entity.id
_entity.type
_entity.pdbx_description
1 polymer 'Sterile alpha and TIR motif-containing protein 1'
2 non-polymer 1,4-anhydro-2-deoxy-2-fluoro-5-O-[(S)-hydroxy(phosphonooxy)phosphoryl]-D-arabinitol
3 water water
#
_entity_poly.entity_id   1
_entity_poly.type   'polypeptide(L)'
_entity_poly.pdbx_seq_one_letter_code
;SNADTPDVFISYRRNSGSQLASLLKVHLQLHGFSVFIDVEKLEAGKFEDKLIQSVMGARNFVLVLSPGALDKCMQDHDCK
DWVHKEIVTALSCGKNIVPIIDGFEWPEPQVLPEDMQAVLTFNGIKWSHEYQEATIEKIIRFLQ
;
_entity_poly.pdbx_strand_id   A,B
#
loop_
_chem_comp.id
_chem_comp.type
_chem_comp.name
_chem_comp.formula
1LK non-polymer 1,4-anhydro-2-deoxy-2-fluoro-5-O-[(S)-hydroxy(phosphonooxy)phosphoryl]-D-arabinitol 'C5 H11 F O9 P2'
#
# COMPACT_ATOMS: atom_id res chain seq x y z
N THR A 5 -26.16 -0.20 -2.05
CA THR A 5 -24.97 -0.45 -1.25
C THR A 5 -23.77 -0.75 -2.17
N PRO A 6 -22.59 -0.87 -1.60
CA PRO A 6 -21.41 -1.07 -2.46
C PRO A 6 -21.51 -2.26 -3.38
N ASP A 7 -20.88 -2.11 -4.56
CA ASP A 7 -20.77 -3.19 -5.53
C ASP A 7 -19.54 -4.06 -5.30
N VAL A 8 -18.57 -3.58 -4.53
CA VAL A 8 -17.31 -4.27 -4.33
C VAL A 8 -17.02 -4.27 -2.84
N PHE A 9 -16.76 -5.45 -2.28
CA PHE A 9 -16.32 -5.62 -0.90
C PHE A 9 -14.85 -5.98 -0.92
N ILE A 10 -14.00 -5.23 -0.21
CA ILE A 10 -12.59 -5.56 -0.14
C ILE A 10 -12.27 -6.23 1.18
N SER A 11 -11.78 -7.47 1.09
CA SER A 11 -11.41 -8.26 2.25
C SER A 11 -9.89 -8.33 2.31
N TYR A 12 -9.31 -7.98 3.46
CA TYR A 12 -7.88 -7.92 3.56
C TYR A 12 -7.45 -8.19 4.99
N ARG A 13 -6.19 -8.57 5.13
CA ARG A 13 -5.57 -8.82 6.43
C ARG A 13 -4.94 -7.51 6.92
N ARG A 14 -5.45 -7.00 8.05
CA ARG A 14 -5.06 -5.68 8.51
C ARG A 14 -3.55 -5.56 8.68
N ASN A 15 -2.91 -6.61 9.18
CA ASN A 15 -1.49 -6.48 9.49
C ASN A 15 -0.57 -6.63 8.28
N SER A 16 -1.08 -6.84 7.07
CA SER A 16 -0.16 -7.00 5.95
C SER A 16 -0.69 -6.48 4.64
N GLY A 17 -2.02 -6.34 4.51
CA GLY A 17 -2.59 -5.97 3.23
C GLY A 17 -3.29 -4.64 3.24
N SER A 18 -3.10 -3.85 4.32
CA SER A 18 -3.90 -2.64 4.48
C SER A 18 -3.56 -1.61 3.41
N GLN A 19 -2.29 -1.47 3.04
CA GLN A 19 -1.93 -0.46 2.04
C GLN A 19 -2.46 -0.84 0.65
N LEU A 20 -2.31 -2.09 0.24
CA LEU A 20 -2.85 -2.49 -1.06
C LEU A 20 -4.37 -2.41 -1.09
N ALA A 21 -5.03 -2.82 0.01
CA ALA A 21 -6.49 -2.68 0.07
C ALA A 21 -6.92 -1.25 -0.14
N SER A 22 -6.21 -0.29 0.47
CA SER A 22 -6.57 1.11 0.35
C SER A 22 -6.29 1.62 -1.06
N LEU A 23 -5.20 1.15 -1.67
CA LEU A 23 -4.87 1.51 -3.04
C LEU A 23 -5.92 1.00 -4.03
N LEU A 24 -6.34 -0.25 -3.86
CA LEU A 24 -7.43 -0.79 -4.66
C LEU A 24 -8.71 0.03 -4.51
N LYS A 25 -9.04 0.44 -3.28
CA LYS A 25 -10.25 1.23 -3.06
C LYS A 25 -10.20 2.52 -3.86
N VAL A 26 -9.06 3.24 -3.82
CA VAL A 26 -9.00 4.52 -4.50
C VAL A 26 -9.16 4.34 -5.99
N HIS A 27 -8.45 3.36 -6.56
CA HIS A 27 -8.54 3.12 -8.00
C HIS A 27 -9.94 2.71 -8.42
N LEU A 28 -10.54 1.77 -7.68
CA LEU A 28 -11.87 1.31 -8.08
C LEU A 28 -12.89 2.44 -7.98
N GLN A 29 -12.76 3.30 -6.97
CA GLN A 29 -13.69 4.42 -6.86
C GLN A 29 -13.52 5.39 -8.00
N LEU A 30 -12.26 5.60 -8.42
CA LEU A 30 -12.01 6.50 -9.54
C LEU A 30 -12.61 5.97 -10.83
N HIS A 31 -12.69 4.65 -10.98
CA HIS A 31 -13.33 4.05 -12.14
C HIS A 31 -14.83 3.84 -11.94
N GLY A 32 -15.43 4.41 -10.89
CA GLY A 32 -16.87 4.46 -10.77
C GLY A 32 -17.53 3.41 -9.89
N PHE A 33 -16.77 2.50 -9.29
CA PHE A 33 -17.35 1.50 -8.42
C PHE A 33 -17.60 2.03 -7.01
N SER A 34 -18.72 1.62 -6.43
N SER A 34 -18.72 1.60 -6.42
CA SER A 34 -18.94 1.80 -5.00
CA SER A 34 -18.96 1.78 -5.00
C SER A 34 -18.23 0.67 -4.27
C SER A 34 -18.25 0.66 -4.25
N VAL A 35 -17.39 1.03 -3.31
CA VAL A 35 -16.49 0.09 -2.66
C VAL A 35 -16.73 0.12 -1.17
N PHE A 36 -16.78 -1.07 -0.58
CA PHE A 36 -16.75 -1.24 0.86
C PHE A 36 -15.34 -1.62 1.30
N ILE A 37 -14.73 -0.78 2.14
CA ILE A 37 -13.58 -1.17 2.96
C ILE A 37 -13.93 -0.75 4.39
N ASP A 38 -13.55 -1.59 5.37
CA ASP A 38 -14.03 -1.43 6.73
C ASP A 38 -13.72 -0.04 7.29
N VAL A 39 -12.50 0.47 7.05
CA VAL A 39 -12.12 1.74 7.67
C VAL A 39 -12.94 2.90 7.13
N GLU A 40 -13.58 2.75 5.98
CA GLU A 40 -14.42 3.81 5.44
C GLU A 40 -15.90 3.61 5.70
N LYS A 41 -16.39 2.39 5.63
CA LYS A 41 -17.83 2.17 5.56
C LYS A 41 -18.42 1.33 6.67
N LEU A 42 -17.62 0.72 7.52
CA LEU A 42 -18.13 0.02 8.67
C LEU A 42 -18.49 1.06 9.74
N GLU A 43 -19.76 1.19 10.05
CA GLU A 43 -20.19 2.24 10.96
C GLU A 43 -20.74 1.61 12.25
N ALA A 44 -21.71 2.25 12.86
CA ALA A 44 -22.03 1.87 14.23
C ALA A 44 -22.78 0.55 14.31
N GLY A 45 -22.60 -0.16 15.41
CA GLY A 45 -23.39 -1.35 15.68
C GLY A 45 -22.52 -2.58 15.88
N LYS A 46 -23.17 -3.73 15.89
CA LYS A 46 -22.46 -4.99 16.11
C LYS A 46 -21.74 -5.37 14.82
N PHE A 47 -20.40 -5.35 14.85
CA PHE A 47 -19.68 -5.44 13.58
C PHE A 47 -19.85 -6.80 12.93
N GLU A 48 -20.13 -7.85 13.72
CA GLU A 48 -20.38 -9.18 13.11
C GLU A 48 -21.56 -9.11 12.14
N ASP A 49 -22.68 -8.51 12.55
CA ASP A 49 -23.82 -8.41 11.65
C ASP A 49 -23.55 -7.42 10.52
N LYS A 50 -22.89 -6.31 10.80
CA LYS A 50 -22.65 -5.33 9.75
C LYS A 50 -21.71 -5.89 8.68
N LEU A 51 -20.69 -6.63 9.09
CA LEU A 51 -19.72 -7.12 8.13
C LEU A 51 -20.35 -8.14 7.21
N ILE A 52 -21.10 -9.09 7.77
CA ILE A 52 -21.72 -10.10 6.95
C ILE A 52 -22.73 -9.47 6.01
N GLN A 53 -23.45 -8.46 6.48
CA GLN A 53 -24.40 -7.76 5.61
C GLN A 53 -23.69 -7.13 4.41
N SER A 54 -22.52 -6.53 4.65
CA SER A 54 -21.80 -5.83 3.59
C SER A 54 -21.24 -6.78 2.56
N VAL A 55 -20.81 -7.98 2.99
CA VAL A 55 -20.41 -8.99 2.02
C VAL A 55 -21.59 -9.40 1.17
N MET A 56 -22.73 -9.67 1.82
CA MET A 56 -23.90 -10.11 1.07
C MET A 56 -24.37 -9.06 0.09
N GLY A 57 -24.19 -7.79 0.43
CA GLY A 57 -24.72 -6.73 -0.40
C GLY A 57 -23.93 -6.48 -1.67
N ALA A 58 -22.68 -6.96 -1.72
CA ALA A 58 -21.78 -6.64 -2.82
C ALA A 58 -21.63 -7.79 -3.80
N ARG A 59 -21.86 -7.50 -5.09
CA ARG A 59 -21.71 -8.51 -6.13
C ARG A 59 -20.31 -9.06 -6.18
N ASN A 60 -19.33 -8.18 -6.00
CA ASN A 60 -17.93 -8.50 -6.18
C ASN A 60 -17.24 -8.56 -4.82
N PHE A 61 -16.38 -9.57 -4.65
CA PHE A 61 -15.61 -9.82 -3.44
C PHE A 61 -14.12 -9.84 -3.84
N VAL A 62 -13.41 -8.75 -3.54
CA VAL A 62 -11.99 -8.60 -3.89
C VAL A 62 -11.19 -9.01 -2.67
N LEU A 63 -10.41 -10.09 -2.80
CA LEU A 63 -9.68 -10.69 -1.68
C LEU A 63 -8.20 -10.35 -1.84
N VAL A 64 -7.66 -9.58 -0.91
CA VAL A 64 -6.27 -9.15 -0.96
C VAL A 64 -5.43 -10.25 -0.33
N LEU A 65 -4.68 -10.96 -1.17
CA LEU A 65 -3.83 -12.04 -0.71
C LEU A 65 -2.40 -11.51 -0.63
N SER A 66 -2.12 -10.85 0.48
CA SER A 66 -0.78 -10.45 0.88
C SER A 66 -0.06 -11.64 1.51
N PRO A 67 1.26 -11.53 1.75
CA PRO A 67 1.99 -12.70 2.24
C PRO A 67 1.43 -13.20 3.56
N GLY A 68 1.12 -14.49 3.63
CA GLY A 68 0.58 -15.09 4.85
C GLY A 68 -0.88 -14.77 5.14
N ALA A 69 -1.61 -14.21 4.19
CA ALA A 69 -2.91 -13.65 4.51
C ALA A 69 -3.94 -14.69 4.95
N LEU A 70 -3.78 -15.95 4.57
CA LEU A 70 -4.72 -16.99 5.00
C LEU A 70 -4.21 -17.79 6.20
N ASP A 71 -3.07 -17.38 6.77
CA ASP A 71 -2.46 -18.15 7.85
C ASP A 71 -3.41 -18.30 9.04
N LYS A 72 -4.01 -17.19 9.47
CA LYS A 72 -4.90 -17.24 10.63
C LYS A 72 -6.21 -17.95 10.33
N CYS A 73 -6.51 -18.26 9.06
CA CYS A 73 -7.65 -19.10 8.72
C CYS A 73 -7.36 -20.58 8.99
N MET A 74 -6.08 -20.96 9.02
CA MET A 74 -5.70 -22.35 9.17
C MET A 74 -6.09 -22.84 10.55
N GLN A 75 -6.74 -24.00 10.60
CA GLN A 75 -7.24 -24.61 11.83
C GLN A 75 -8.28 -23.73 12.54
N ASP A 76 -8.87 -22.77 11.82
CA ASP A 76 -9.93 -21.92 12.40
C ASP A 76 -11.31 -22.52 12.12
N HIS A 77 -11.50 -23.75 12.58
CA HIS A 77 -12.73 -24.46 12.23
C HIS A 77 -13.96 -23.93 12.96
N ASP A 78 -13.81 -23.28 14.10
CA ASP A 78 -14.88 -22.51 14.73
C ASP A 78 -15.21 -21.22 13.97
N CYS A 79 -14.46 -20.89 12.92
CA CYS A 79 -14.73 -19.72 12.07
C CYS A 79 -14.77 -18.43 12.90
N LYS A 80 -13.75 -18.25 13.72
CA LYS A 80 -13.62 -17.03 14.50
C LYS A 80 -12.81 -15.97 13.78
N ASP A 81 -12.05 -16.35 12.75
CA ASP A 81 -11.21 -15.41 12.02
C ASP A 81 -12.03 -14.63 11.01
N TRP A 82 -11.80 -13.32 10.94
CA TRP A 82 -12.73 -12.50 10.20
C TRP A 82 -12.52 -12.57 8.69
N VAL A 83 -11.29 -12.80 8.23
CA VAL A 83 -11.13 -13.04 6.80
C VAL A 83 -11.76 -14.37 6.42
N HIS A 84 -11.56 -15.38 7.26
CA HIS A 84 -12.22 -16.67 7.05
C HIS A 84 -13.72 -16.48 6.95
N LYS A 85 -14.32 -15.76 7.92
CA LYS A 85 -15.77 -15.53 7.91
C LYS A 85 -16.21 -14.85 6.61
N GLU A 86 -15.48 -13.80 6.21
CA GLU A 86 -15.84 -13.07 5.02
C GLU A 86 -15.75 -13.95 3.78
N ILE A 87 -14.70 -14.78 3.69
CA ILE A 87 -14.55 -15.67 2.54
C ILE A 87 -15.68 -16.70 2.50
N VAL A 88 -16.01 -17.31 3.65
CA VAL A 88 -17.10 -18.29 3.64
C VAL A 88 -18.41 -17.66 3.18
N THR A 89 -18.67 -16.44 3.64
CA THR A 89 -19.89 -15.76 3.21
C THR A 89 -19.88 -15.54 1.71
N ALA A 90 -18.77 -15.04 1.17
CA ALA A 90 -18.69 -14.80 -0.27
C ALA A 90 -18.86 -16.08 -1.06
N LEU A 91 -18.27 -17.16 -0.60
CA LEU A 91 -18.42 -18.43 -1.28
C LEU A 91 -19.87 -18.93 -1.21
N SER A 92 -20.45 -18.83 -0.02
N SER A 92 -20.42 -18.87 0.00
CA SER A 92 -21.78 -19.40 0.16
CA SER A 92 -21.78 -19.36 0.19
C SER A 92 -22.86 -18.57 -0.51
C SER A 92 -22.76 -18.62 -0.70
N CYS A 93 -22.59 -17.30 -0.79
CA CYS A 93 -23.48 -16.44 -1.55
C CYS A 93 -23.22 -16.47 -3.04
N GLY A 94 -22.20 -17.21 -3.48
CA GLY A 94 -21.84 -17.26 -4.90
C GLY A 94 -21.38 -15.94 -5.48
N LYS A 95 -20.64 -15.15 -4.70
CA LYS A 95 -20.17 -13.87 -5.18
C LYS A 95 -19.10 -14.03 -6.25
N ASN A 96 -18.92 -12.97 -7.03
CA ASN A 96 -17.81 -12.88 -7.97
C ASN A 96 -16.54 -12.60 -7.17
N ILE A 97 -15.79 -13.64 -6.86
CA ILE A 97 -14.60 -13.55 -6.03
C ILE A 97 -13.40 -13.29 -6.94
N VAL A 98 -12.62 -12.25 -6.59
CA VAL A 98 -11.47 -11.81 -7.38
C VAL A 98 -10.26 -11.71 -6.46
N PRO A 99 -9.46 -12.78 -6.35
CA PRO A 99 -8.27 -12.72 -5.52
C PRO A 99 -7.20 -11.86 -6.17
N ILE A 100 -6.54 -11.06 -5.35
CA ILE A 100 -5.44 -10.19 -5.77
C ILE A 100 -4.19 -10.69 -5.07
N ILE A 101 -3.22 -11.17 -5.83
CA ILE A 101 -2.05 -11.87 -5.28
C ILE A 101 -0.90 -10.88 -5.20
N ASP A 102 -0.40 -10.67 -4.01
CA ASP A 102 0.72 -9.74 -3.75
C ASP A 102 1.73 -10.46 -2.83
N GLY A 103 2.57 -11.31 -3.44
CA GLY A 103 3.56 -12.02 -2.67
C GLY A 103 3.00 -13.19 -1.90
N PHE A 104 1.83 -13.67 -2.30
CA PHE A 104 1.15 -14.74 -1.59
C PHE A 104 1.61 -16.08 -2.14
N GLU A 105 1.94 -17.00 -1.23
CA GLU A 105 2.22 -18.39 -1.59
C GLU A 105 0.94 -19.20 -1.48
N TRP A 106 0.57 -19.86 -2.56
CA TRP A 106 -0.61 -20.71 -2.57
C TRP A 106 -0.45 -21.89 -1.63
N PRO A 107 -1.32 -22.06 -0.64
CA PRO A 107 -1.23 -23.23 0.24
C PRO A 107 -1.91 -24.44 -0.38
N GLU A 108 -1.53 -25.60 0.12
CA GLU A 108 -2.27 -26.81 -0.23
C GLU A 108 -3.69 -26.67 0.31
N PRO A 109 -4.70 -27.11 -0.44
CA PRO A 109 -6.09 -26.93 0.02
C PRO A 109 -6.34 -27.49 1.41
N GLN A 110 -5.67 -28.60 1.76
CA GLN A 110 -6.01 -29.31 2.99
C GLN A 110 -5.50 -28.61 4.24
N VAL A 111 -4.73 -27.54 4.11
CA VAL A 111 -4.34 -26.77 5.29
C VAL A 111 -5.42 -25.79 5.73
N LEU A 112 -6.45 -25.60 4.90
CA LEU A 112 -7.55 -24.67 5.12
C LEU A 112 -8.81 -25.41 5.53
N PRO A 113 -9.67 -24.79 6.34
CA PRO A 113 -10.95 -25.43 6.66
C PRO A 113 -11.74 -25.70 5.39
N GLU A 114 -12.50 -26.81 5.41
CA GLU A 114 -13.20 -27.24 4.21
C GLU A 114 -14.14 -26.16 3.66
N ASP A 115 -14.75 -25.36 4.54
CA ASP A 115 -15.74 -24.39 4.08
C ASP A 115 -15.11 -23.20 3.33
N MET A 116 -13.80 -23.09 3.26
CA MET A 116 -13.19 -22.05 2.42
C MET A 116 -12.21 -22.58 1.39
N GLN A 117 -12.07 -23.90 1.26
CA GLN A 117 -11.06 -24.41 0.33
C GLN A 117 -11.36 -24.02 -1.11
N ALA A 118 -12.63 -23.82 -1.44
CA ALA A 118 -13.01 -23.43 -2.79
C ALA A 118 -12.46 -22.08 -3.21
N VAL A 119 -11.98 -21.26 -2.28
CA VAL A 119 -11.46 -19.95 -2.67
C VAL A 119 -10.28 -20.10 -3.61
N LEU A 120 -9.53 -21.19 -3.50
CA LEU A 120 -8.38 -21.41 -4.36
C LEU A 120 -8.72 -21.77 -5.80
N THR A 121 -10.00 -21.94 -6.14
CA THR A 121 -10.42 -22.33 -7.48
C THR A 121 -10.78 -21.14 -8.35
N PHE A 122 -10.64 -19.92 -7.85
CA PHE A 122 -10.99 -18.72 -8.58
C PHE A 122 -9.73 -18.17 -9.25
N ASN A 123 -9.91 -17.67 -10.46
CA ASN A 123 -8.80 -17.08 -11.21
C ASN A 123 -8.36 -15.82 -10.49
N GLY A 124 -7.07 -15.75 -10.12
CA GLY A 124 -6.53 -14.61 -9.43
C GLY A 124 -5.77 -13.64 -10.33
N ILE A 125 -5.58 -12.44 -9.81
CA ILE A 125 -4.83 -11.39 -10.51
C ILE A 125 -3.54 -11.12 -9.75
N LYS A 126 -2.40 -11.14 -10.46
CA LYS A 126 -1.13 -10.82 -9.84
C LYS A 126 -0.94 -9.32 -9.80
N TRP A 127 -0.74 -8.79 -8.60
CA TRP A 127 -0.46 -7.37 -8.44
C TRP A 127 0.94 -7.08 -8.97
N SER A 128 1.06 -6.17 -9.93
CA SER A 128 2.38 -5.81 -10.46
C SER A 128 2.72 -4.38 -10.06
N HIS A 129 3.75 -4.23 -9.24
CA HIS A 129 4.21 -2.91 -8.84
C HIS A 129 4.74 -2.12 -10.02
N GLU A 130 5.36 -2.79 -11.00
CA GLU A 130 5.86 -2.08 -12.17
C GLU A 130 4.79 -1.71 -13.17
N TYR A 131 3.67 -2.48 -13.22
CA TYR A 131 2.59 -2.26 -14.18
C TYR A 131 1.26 -2.17 -13.42
N GLN A 132 1.11 -1.11 -12.60
CA GLN A 132 -0.10 -0.99 -11.75
C GLN A 132 -1.32 -0.60 -12.57
N GLU A 133 -1.16 0.28 -13.55
CA GLU A 133 -2.31 0.66 -14.38
C GLU A 133 -2.88 -0.56 -15.08
N ALA A 134 -2.01 -1.42 -15.63
CA ALA A 134 -2.45 -2.63 -16.29
C ALA A 134 -3.14 -3.59 -15.31
N THR A 135 -2.58 -3.69 -14.10
CA THR A 135 -3.20 -4.53 -13.09
C THR A 135 -4.62 -4.05 -12.78
N ILE A 136 -4.77 -2.74 -12.57
CA ILE A 136 -6.08 -2.17 -12.28
C ILE A 136 -7.05 -2.40 -13.43
N GLU A 137 -6.56 -2.21 -14.67
CA GLU A 137 -7.41 -2.47 -15.83
C GLU A 137 -7.92 -3.90 -15.85
N LYS A 138 -7.09 -4.86 -15.47
CA LYS A 138 -7.50 -6.26 -15.45
C LYS A 138 -8.50 -6.51 -14.33
N ILE A 139 -8.25 -5.93 -13.17
CA ILE A 139 -9.22 -6.05 -12.08
C ILE A 139 -10.57 -5.54 -12.55
N ILE A 140 -10.60 -4.39 -13.21
CA ILE A 140 -11.88 -3.84 -13.64
C ILE A 140 -12.57 -4.77 -14.65
N ARG A 141 -11.80 -5.42 -15.53
CA ARG A 141 -12.39 -6.40 -16.44
C ARG A 141 -13.01 -7.56 -15.66
N PHE A 142 -12.42 -7.94 -14.52
CA PHE A 142 -12.96 -9.07 -13.76
C PHE A 142 -14.19 -8.69 -12.96
N LEU A 143 -14.41 -7.41 -12.70
CA LEU A 143 -15.54 -6.99 -11.87
C LEU A 143 -16.85 -7.06 -12.67
N GLN A 144 -17.94 -7.25 -11.95
CA GLN A 144 -19.28 -7.31 -12.53
C GLN A 144 -20.21 -6.20 -12.05
N THR B 5 9.40 19.77 -14.63
CA THR B 5 9.72 18.50 -13.96
C THR B 5 8.99 18.42 -12.61
N PRO B 6 9.00 17.24 -11.99
CA PRO B 6 8.10 16.99 -10.85
C PRO B 6 8.33 17.87 -9.64
N ASP B 7 7.22 18.17 -8.95
CA ASP B 7 7.21 18.89 -7.67
C ASP B 7 7.60 18.01 -6.49
N VAL B 8 7.30 16.71 -6.57
CA VAL B 8 7.40 15.80 -5.44
C VAL B 8 8.19 14.58 -5.90
N PHE B 9 9.26 14.25 -5.18
CA PHE B 9 10.00 13.00 -5.37
C PHE B 9 9.64 12.05 -4.22
N ILE B 10 9.16 10.85 -4.54
CA ILE B 10 8.87 9.87 -3.51
C ILE B 10 10.01 8.88 -3.43
N SER B 11 10.63 8.78 -2.27
CA SER B 11 11.72 7.86 -2.00
C SER B 11 11.19 6.79 -1.04
N TYR B 12 11.42 5.54 -1.39
CA TYR B 12 10.88 4.43 -0.62
C TYR B 12 11.73 3.20 -0.82
N ARG B 13 11.60 2.27 0.11
CA ARG B 13 12.31 1.00 0.08
C ARG B 13 11.46 -0.03 -0.66
N ARG B 14 11.98 -0.53 -1.79
CA ARG B 14 11.19 -1.37 -2.68
C ARG B 14 10.56 -2.54 -1.94
N ASN B 15 11.30 -3.18 -1.04
CA ASN B 15 10.80 -4.40 -0.42
C ASN B 15 9.83 -4.16 0.73
N SER B 16 9.51 -2.92 1.09
CA SER B 16 8.60 -2.73 2.22
C SER B 16 7.67 -1.53 2.10
N GLY B 17 8.04 -0.54 1.30
CA GLY B 17 7.25 0.67 1.19
C GLY B 17 6.56 0.87 -0.14
N SER B 18 6.54 -0.14 -1.03
CA SER B 18 6.07 0.07 -2.39
C SER B 18 4.58 0.41 -2.43
N GLN B 19 3.77 -0.25 -1.59
CA GLN B 19 2.33 -0.02 -1.66
C GLN B 19 1.99 1.38 -1.16
N LEU B 20 2.58 1.78 -0.04
CA LEU B 20 2.30 3.12 0.48
C LEU B 20 2.83 4.19 -0.46
N ALA B 21 4.03 3.98 -1.01
CA ALA B 21 4.57 4.93 -1.98
C ALA B 21 3.62 5.11 -3.14
N SER B 22 3.03 4.01 -3.62
CA SER B 22 2.12 4.08 -4.75
C SER B 22 0.82 4.77 -4.36
N LEU B 23 0.36 4.53 -3.14
CA LEU B 23 -0.85 5.19 -2.63
C LEU B 23 -0.63 6.68 -2.50
N LEU B 24 0.51 7.07 -1.94
CA LEU B 24 0.85 8.49 -1.90
C LEU B 24 0.89 9.11 -3.30
N LYS B 25 1.46 8.39 -4.27
CA LYS B 25 1.51 8.96 -5.62
C LYS B 25 0.11 9.27 -6.15
N VAL B 26 -0.81 8.32 -6.02
CA VAL B 26 -2.17 8.54 -6.54
C VAL B 26 -2.80 9.75 -5.88
N HIS B 27 -2.79 9.79 -4.55
CA HIS B 27 -3.41 10.90 -3.83
C HIS B 27 -2.80 12.25 -4.18
N LEU B 28 -1.47 12.34 -4.23
CA LEU B 28 -0.87 13.63 -4.51
C LEU B 28 -1.17 14.10 -5.93
N GLN B 29 -1.19 13.17 -6.89
CA GLN B 29 -1.62 13.51 -8.25
C GLN B 29 -3.07 13.97 -8.26
N LEU B 30 -3.93 13.33 -7.49
CA LEU B 30 -5.33 13.76 -7.49
C LEU B 30 -5.50 15.16 -6.93
N HIS B 31 -4.55 15.62 -6.10
CA HIS B 31 -4.59 16.95 -5.51
C HIS B 31 -3.74 17.94 -6.30
N GLY B 32 -3.28 17.57 -7.49
CA GLY B 32 -2.68 18.50 -8.42
C GLY B 32 -1.16 18.57 -8.41
N PHE B 33 -0.50 17.68 -7.70
CA PHE B 33 0.96 17.71 -7.66
C PHE B 33 1.55 16.82 -8.72
N SER B 34 2.64 17.28 -9.32
N SER B 34 2.63 17.28 -9.32
CA SER B 34 3.45 16.44 -10.20
CA SER B 34 3.44 16.44 -10.19
C SER B 34 4.36 15.60 -9.31
C SER B 34 4.34 15.59 -9.29
N VAL B 35 4.38 14.30 -9.57
CA VAL B 35 5.03 13.33 -8.69
C VAL B 35 5.99 12.49 -9.47
N PHE B 36 7.20 12.29 -8.93
CA PHE B 36 8.12 11.31 -9.43
C PHE B 36 8.09 10.10 -8.52
N ILE B 37 7.79 8.94 -9.08
CA ILE B 37 8.07 7.65 -8.45
C ILE B 37 8.74 6.83 -9.53
N ASP B 38 9.71 5.99 -9.13
CA ASP B 38 10.62 5.41 -10.13
C ASP B 38 9.85 4.56 -11.14
N VAL B 39 8.88 3.76 -10.68
CA VAL B 39 8.20 2.85 -11.58
C VAL B 39 7.39 3.58 -12.66
N GLU B 40 7.03 4.84 -12.43
CA GLU B 40 6.32 5.61 -13.45
C GLU B 40 7.22 6.52 -14.27
N LYS B 41 8.27 7.06 -13.67
CA LYS B 41 8.98 8.16 -14.33
C LYS B 41 10.46 7.96 -14.56
N LEU B 42 11.08 6.93 -14.00
CA LEU B 42 12.48 6.64 -14.29
C LEU B 42 12.52 5.98 -15.66
N GLU B 43 13.10 6.64 -16.64
CA GLU B 43 13.07 6.08 -17.98
C GLU B 43 14.47 5.66 -18.40
N ALA B 44 14.80 5.85 -19.65
CA ALA B 44 16.00 5.23 -20.18
C ALA B 44 17.26 5.97 -19.76
N GLY B 45 18.34 5.20 -19.62
CA GLY B 45 19.66 5.75 -19.38
C GLY B 45 20.28 5.20 -18.13
N LYS B 46 21.34 5.85 -17.70
CA LYS B 46 22.05 5.41 -16.50
C LYS B 46 21.26 5.84 -15.28
N PHE B 47 20.70 4.86 -14.55
CA PHE B 47 19.70 5.21 -13.54
C PHE B 47 20.33 6.02 -12.40
N GLU B 48 21.63 5.84 -12.13
CA GLU B 48 22.29 6.67 -11.14
C GLU B 48 22.12 8.15 -11.46
N ASP B 49 22.57 8.54 -12.66
CA ASP B 49 22.47 9.94 -13.07
C ASP B 49 21.02 10.42 -13.05
N LYS B 50 20.11 9.61 -13.58
CA LYS B 50 18.72 10.06 -13.69
C LYS B 50 18.05 10.23 -12.32
N LEU B 51 18.30 9.32 -11.40
CA LEU B 51 17.68 9.42 -10.08
C LEU B 51 18.17 10.67 -9.35
N ILE B 52 19.49 10.91 -9.38
CA ILE B 52 19.98 12.09 -8.67
C ILE B 52 19.44 13.35 -9.32
N GLN B 53 19.33 13.37 -10.64
CA GLN B 53 18.73 14.52 -11.31
C GLN B 53 17.28 14.70 -10.87
N SER B 54 16.57 13.60 -10.65
CA SER B 54 15.17 13.71 -10.31
C SER B 54 15.00 14.23 -8.89
N VAL B 55 15.88 13.82 -7.97
CA VAL B 55 15.83 14.39 -6.64
C VAL B 55 16.15 15.87 -6.68
N MET B 56 17.18 16.24 -7.47
CA MET B 56 17.61 17.64 -7.49
C MET B 56 16.52 18.54 -8.02
N GLY B 57 15.68 18.03 -8.91
CA GLY B 57 14.67 18.84 -9.56
C GLY B 57 13.37 19.00 -8.81
N ALA B 58 13.15 18.20 -7.77
CA ALA B 58 11.89 18.21 -7.03
C ALA B 58 12.01 19.05 -5.76
N ARG B 59 11.12 20.04 -5.63
CA ARG B 59 11.11 20.89 -4.45
C ARG B 59 10.86 20.08 -3.19
N ASN B 60 9.98 19.08 -3.27
CA ASN B 60 9.56 18.27 -2.13
C ASN B 60 10.10 16.85 -2.23
N PHE B 61 10.59 16.35 -1.11
CA PHE B 61 11.16 15.01 -1.01
C PHE B 61 10.33 14.27 0.05
N VAL B 62 9.48 13.37 -0.42
CA VAL B 62 8.62 12.57 0.47
C VAL B 62 9.31 11.25 0.71
N LEU B 63 9.62 10.98 1.97
CA LEU B 63 10.42 9.83 2.36
C LEU B 63 9.50 8.85 3.08
N VAL B 64 9.28 7.69 2.47
CA VAL B 64 8.38 6.69 3.04
C VAL B 64 9.18 5.86 4.03
N LEU B 65 8.89 6.03 5.33
CA LEU B 65 9.58 5.29 6.38
C LEU B 65 8.68 4.13 6.82
N SER B 66 8.74 3.06 6.03
CA SER B 66 8.16 1.77 6.37
C SER B 66 9.05 1.11 7.41
N PRO B 67 8.59 0.01 8.02
CA PRO B 67 9.42 -0.71 9.00
C PRO B 67 10.81 -1.05 8.47
N GLY B 68 11.86 -0.61 9.15
CA GLY B 68 13.22 -0.96 8.78
C GLY B 68 13.75 -0.26 7.56
N ALA B 69 13.11 0.84 7.14
CA ALA B 69 13.38 1.43 5.84
C ALA B 69 14.78 2.02 5.75
N LEU B 70 15.37 2.43 6.88
CA LEU B 70 16.73 2.96 6.89
C LEU B 70 17.77 1.92 7.30
N ASP B 71 17.38 0.65 7.42
CA ASP B 71 18.33 -0.39 7.85
C ASP B 71 19.50 -0.50 6.88
N LYS B 72 19.23 -0.61 5.58
CA LYS B 72 20.32 -0.74 4.62
C LYS B 72 21.22 0.50 4.59
N CYS B 73 20.77 1.62 5.15
CA CYS B 73 21.63 2.80 5.23
C CYS B 73 22.69 2.70 6.32
N MET B 74 22.48 1.83 7.30
CA MET B 74 23.38 1.76 8.45
C MET B 74 24.68 1.07 8.05
N GLN B 75 25.81 1.65 8.49
CA GLN B 75 27.15 1.22 8.11
C GLN B 75 27.39 1.32 6.61
N ASP B 76 26.52 1.98 5.87
CA ASP B 76 26.71 2.20 4.44
C ASP B 76 27.57 3.44 4.22
N HIS B 77 28.75 3.42 4.85
CA HIS B 77 29.60 4.61 4.86
C HIS B 77 30.11 4.95 3.47
N ASP B 78 30.21 3.96 2.58
CA ASP B 78 30.53 4.21 1.18
C ASP B 78 29.36 4.81 0.40
N CYS B 79 28.15 4.79 0.98
CA CYS B 79 26.98 5.40 0.35
C CYS B 79 26.63 4.71 -0.97
N LYS B 80 26.48 3.39 -0.91
CA LYS B 80 26.04 2.62 -2.07
C LYS B 80 24.53 2.41 -2.08
N ASP B 81 23.92 2.43 -0.90
CA ASP B 81 22.49 2.20 -0.78
C ASP B 81 21.72 3.37 -1.40
N TRP B 82 20.66 3.04 -2.13
CA TRP B 82 20.04 4.04 -2.99
C TRP B 82 19.05 4.94 -2.25
N VAL B 83 18.42 4.45 -1.20
CA VAL B 83 17.68 5.38 -0.34
C VAL B 83 18.66 6.32 0.37
N HIS B 84 19.79 5.79 0.84
CA HIS B 84 20.82 6.64 1.44
C HIS B 84 21.24 7.74 0.47
N LYS B 85 21.61 7.36 -0.76
CA LYS B 85 21.98 8.34 -1.78
C LYS B 85 20.89 9.40 -1.98
N GLU B 86 19.64 8.96 -2.10
CA GLU B 86 18.54 9.88 -2.39
C GLU B 86 18.37 10.85 -1.24
N ILE B 87 18.45 10.36 -0.01
CA ILE B 87 18.35 11.21 1.17
C ILE B 87 19.49 12.21 1.20
N VAL B 88 20.73 11.74 0.96
CA VAL B 88 21.86 12.65 0.97
C VAL B 88 21.69 13.74 -0.07
N THR B 89 21.27 13.38 -1.26
CA THR B 89 21.02 14.40 -2.27
C THR B 89 19.99 15.39 -1.80
N ALA B 90 18.85 14.91 -1.22
CA ALA B 90 17.82 15.84 -0.76
C ALA B 90 18.33 16.75 0.35
N LEU B 91 19.10 16.19 1.29
CA LEU B 91 19.69 17.01 2.33
C LEU B 91 20.66 18.03 1.75
N SER B 92 21.51 17.61 0.79
N SER B 92 21.51 17.59 0.81
CA SER B 92 22.54 18.51 0.28
CA SER B 92 22.53 18.48 0.26
C SER B 92 21.99 19.56 -0.68
C SER B 92 21.90 19.64 -0.50
N CYS B 93 20.78 19.38 -1.18
CA CYS B 93 20.09 20.40 -1.95
C CYS B 93 19.07 21.18 -1.12
N GLY B 94 18.96 20.93 0.18
CA GLY B 94 18.07 21.72 1.01
C GLY B 94 16.63 21.53 0.65
N LYS B 95 16.27 20.34 0.23
CA LYS B 95 14.88 20.10 -0.16
C LYS B 95 13.94 20.10 1.05
N ASN B 96 12.66 20.27 0.74
CA ASN B 96 11.60 20.14 1.73
C ASN B 96 11.37 18.66 1.97
N ILE B 97 11.99 18.13 3.00
CA ILE B 97 11.91 16.71 3.32
C ILE B 97 10.69 16.47 4.20
N VAL B 98 9.87 15.51 3.78
CA VAL B 98 8.63 15.17 4.48
C VAL B 98 8.63 13.68 4.74
N PRO B 99 9.07 13.25 5.93
CA PRO B 99 9.02 11.83 6.26
C PRO B 99 7.60 11.43 6.55
N ILE B 100 7.25 10.25 6.05
CA ILE B 100 5.95 9.64 6.26
C ILE B 100 6.19 8.37 7.05
N ILE B 101 5.69 8.31 8.30
CA ILE B 101 6.01 7.20 9.20
C ILE B 101 4.86 6.21 9.16
N ASP B 102 5.18 4.95 8.82
CA ASP B 102 4.21 3.87 8.74
C ASP B 102 4.84 2.68 9.45
N GLY B 103 4.74 2.67 10.79
CA GLY B 103 5.29 1.55 11.54
C GLY B 103 6.80 1.55 11.63
N PHE B 104 7.41 2.71 11.47
CA PHE B 104 8.86 2.84 11.49
C PHE B 104 9.29 3.20 12.89
N GLU B 105 10.38 2.59 13.33
CA GLU B 105 11.00 2.85 14.61
C GLU B 105 12.18 3.81 14.41
N TRP B 106 12.13 4.95 15.06
CA TRP B 106 13.19 5.95 14.95
C TRP B 106 14.51 5.42 15.50
N PRO B 107 15.56 5.31 14.68
CA PRO B 107 16.83 4.82 15.20
C PRO B 107 17.54 5.90 16.01
N GLU B 108 18.58 5.48 16.71
CA GLU B 108 19.51 6.44 17.28
C GLU B 108 20.25 7.14 16.13
N PRO B 109 20.48 8.45 16.24
CA PRO B 109 21.21 9.13 15.14
C PRO B 109 22.54 8.47 14.81
N GLN B 110 23.27 8.02 15.83
CA GLN B 110 24.63 7.51 15.62
C GLN B 110 24.67 6.22 14.82
N VAL B 111 23.54 5.52 14.68
CA VAL B 111 23.54 4.30 13.86
C VAL B 111 23.46 4.59 12.38
N LEU B 112 23.22 5.84 11.99
CA LEU B 112 23.11 6.24 10.60
C LEU B 112 24.35 7.02 10.17
N PRO B 113 24.76 6.89 8.91
CA PRO B 113 25.90 7.69 8.44
C PRO B 113 25.71 9.17 8.75
N GLU B 114 26.83 9.87 8.98
CA GLU B 114 26.75 11.27 9.36
C GLU B 114 26.12 12.12 8.27
N ASP B 115 26.32 11.74 7.00
CA ASP B 115 25.81 12.58 5.93
C ASP B 115 24.29 12.48 5.78
N MET B 116 23.64 11.63 6.57
CA MET B 116 22.18 11.55 6.54
C MET B 116 21.52 11.66 7.91
N GLN B 117 22.30 11.84 8.99
CA GLN B 117 21.68 11.90 10.31
C GLN B 117 20.64 13.02 10.39
N ALA B 118 20.80 14.08 9.58
CA ALA B 118 19.90 15.21 9.65
C ALA B 118 18.48 14.85 9.24
N VAL B 119 18.27 13.72 8.58
CA VAL B 119 16.91 13.39 8.14
C VAL B 119 16.00 13.27 9.35
N LEU B 120 16.54 12.90 10.50
CA LEU B 120 15.73 12.71 11.70
C LEU B 120 15.29 14.01 12.36
N THR B 121 15.76 15.16 11.90
CA THR B 121 15.39 16.44 12.47
C THR B 121 14.18 17.08 11.80
N PHE B 122 13.59 16.44 10.79
CA PHE B 122 12.48 17.01 10.04
C PHE B 122 11.18 16.50 10.64
N ASN B 123 10.18 17.38 10.70
CA ASN B 123 8.90 16.99 11.27
C ASN B 123 8.26 15.94 10.35
N GLY B 124 7.87 14.80 10.91
CA GLY B 124 7.28 13.74 10.13
C GLY B 124 5.77 13.65 10.31
N ILE B 125 5.16 12.92 9.40
CA ILE B 125 3.71 12.69 9.40
C ILE B 125 3.47 11.22 9.65
N LYS B 126 2.60 10.92 10.62
CA LYS B 126 2.26 9.53 10.91
C LYS B 126 1.15 9.09 9.97
N TRP B 127 1.40 8.01 9.25
CA TRP B 127 0.38 7.44 8.36
C TRP B 127 -0.70 6.77 9.20
N SER B 128 -1.94 7.20 9.03
CA SER B 128 -3.07 6.59 9.76
C SER B 128 -3.98 5.84 8.79
N HIS B 129 -4.03 4.51 8.93
CA HIS B 129 -4.92 3.70 8.10
C HIS B 129 -6.38 4.00 8.37
N GLU B 130 -6.71 4.38 9.61
CA GLU B 130 -8.10 4.71 9.94
C GLU B 130 -8.50 6.09 9.46
N TYR B 131 -7.55 7.02 9.36
CA TYR B 131 -7.84 8.39 8.94
C TYR B 131 -6.94 8.79 7.76
N GLN B 132 -7.16 8.15 6.60
CA GLN B 132 -6.24 8.38 5.48
C GLN B 132 -6.46 9.73 4.82
N GLU B 133 -7.72 10.15 4.67
CA GLU B 133 -8.00 11.46 4.08
C GLU B 133 -7.33 12.55 4.89
N ALA B 134 -7.43 12.46 6.22
CA ALA B 134 -6.79 13.45 7.12
C ALA B 134 -5.28 13.41 7.00
N THR B 135 -4.72 12.19 6.89
CA THR B 135 -3.28 12.08 6.67
C THR B 135 -2.86 12.78 5.39
N ILE B 136 -3.61 12.54 4.31
CA ILE B 136 -3.28 13.14 3.03
C ILE B 136 -3.41 14.65 3.12
N GLU B 137 -4.46 15.14 3.79
CA GLU B 137 -4.60 16.59 3.90
C GLU B 137 -3.41 17.20 4.62
N LYS B 138 -2.90 16.50 5.63
CA LYS B 138 -1.73 16.98 6.36
C LYS B 138 -0.49 16.98 5.47
N ILE B 139 -0.31 15.90 4.69
CA ILE B 139 0.82 15.86 3.76
C ILE B 139 0.76 17.05 2.82
N ILE B 140 -0.43 17.34 2.30
CA ILE B 140 -0.52 18.44 1.34
C ILE B 140 -0.19 19.74 2.01
N ARG B 141 -0.55 19.90 3.30
CA ARG B 141 -0.17 21.11 4.03
C ARG B 141 1.34 21.26 4.13
N PHE B 142 2.06 20.14 4.28
CA PHE B 142 3.51 20.16 4.38
C PHE B 142 4.20 20.42 3.04
N LEU B 143 3.53 20.23 1.92
CA LEU B 143 4.18 20.38 0.62
C LEU B 143 4.24 21.84 0.19
N GLN B 144 5.31 22.20 -0.51
CA GLN B 144 5.51 23.55 -0.99
C GLN B 144 5.27 23.64 -2.49
C1 1LK C . -13.06 -7.17 6.69
C2 1LK C . -11.61 -6.92 7.04
C3 1LK C . -11.11 -8.25 7.60
C4 1LK C . -10.16 -8.00 8.75
O1 1LK C . -9.39 -9.15 9.11
O2 1LK C . -7.08 -8.31 9.62
O3 1LK C . -7.93 -10.28 10.94
O4 1LK C . -8.95 -8.01 11.30
O5 1LK C . -8.73 -9.32 13.48
C 1LK C . -13.43 -8.22 7.73
O 1LK C . -12.25 -8.86 8.21
F 1LK C . -13.77 -5.97 6.84
O6 1LK C . -8.68 -6.79 13.43
O7 1LK C . -10.81 -8.00 12.93
O8 1LK C . -10.98 -6.62 5.79
P 1LK C . -8.24 -8.96 10.24
P1 1LK C . -9.27 -8.08 12.86
H1 1LK C . -13.25 -7.51 5.68
H2 1LK C . -11.44 -6.17 7.81
H3 1LK C . -10.72 -8.93 6.83
H5 1LK C . -9.47 -7.21 8.52
H6 1LK C . -10.72 -7.70 9.65
H7 1LK C . -7.24 -10.34 11.65
H4 1LK C . -13.93 -7.81 8.60
H8 1LK C . -8.82 -5.90 13.00
H9 1LK C . -11.44 -7.60 12.28
H10 1LK C . -10.16 -6.14 6.01
C1 1LK D . 14.30 5.71 -5.58
C2 1LK D . 13.79 4.41 -4.99
C3 1LK D . 14.91 3.91 -4.10
C4 1LK D . 15.29 2.46 -4.31
O1 1LK D . 15.34 1.79 -3.03
O2 1LK D . 14.35 -0.40 -2.34
O3 1LK D . 16.80 0.00 -2.04
O4 1LK D . 15.87 -0.33 -4.36
O5 1LK D . 17.81 -1.99 -4.41
C 1LK D . 15.79 5.45 -5.61
O 1LK D . 16.12 4.54 -4.58
F 1LK D . 13.76 5.87 -6.87
O6 1LK D . 16.64 -1.21 -6.53
O7 1LK D . 18.05 0.38 -5.25
O8 1LK D . 12.68 4.86 -4.22
P 1LK D . 15.55 0.22 -2.89
P1 1LK D . 17.16 -0.85 -5.14
H1 1LK D . 14.04 6.60 -5.02
H2 1LK D . 13.59 3.59 -5.71
H3 1LK D . 14.69 4.18 -3.07
H5 1LK D . 14.56 1.95 -4.93
H6 1LK D . 16.26 2.37 -4.78
H7 1LK D . 16.96 -0.86 -1.56
H4 1LK D . 16.14 5.01 -6.55
H8 1LK D . 16.17 -0.57 -7.11
H9 1LK D . 17.94 1.18 -5.83
H10 1LK D . 12.28 4.04 -3.83
#